data_1P4N
#
_entry.id   1P4N
#
_cell.length_a   42.201
_cell.length_b   100.610
_cell.length_c   46.538
_cell.angle_alpha   90.00
_cell.angle_beta   115.64
_cell.angle_gamma   90.00
#
_symmetry.space_group_name_H-M   'P 1 21 1'
#
loop_
_entity.id
_entity.type
_entity.pdbx_description
1 polymer FemX
2 polymer UDP-MurNAc-pentapeptide
3 non-polymer 'MAGNESIUM ION'
4 non-polymer GLYCEROL
5 water water
#
loop_
_entity_poly.entity_id
_entity_poly.type
_entity_poly.pdbx_seq_one_letter_code
_entity_poly.pdbx_strand_id
1 'polypeptide(L)'
;PVLNLNDPQAVERYEEFMRQSPYGQVTQDLGWAKVKNNWEPVDVYLEDDQGAIIAAMSMLLGDTPTDKKFAYASKGPVMD
VTDVDLLDRLVDEAVKALDGRAYVLRFDPEVAYSDEFNTTLQDHGYVTRNRNVADAGMHATIQPRLNMVLDLTKFPDAKT
TLDLYPSKTKSKIKRPFRDGVEVHSGNSATELDEFFKTYTTMAERHGITHRPIEYFQRMQAAFDADTMRIFVAEREGKLL
STGIALKYGRKIWYMYAGSMDGNTYYAPYAVQSEMIQWALDTNTDLYDLGGIESESTDDSLYVFKHVFVKDAPREYIGEI
DKVLDPEVYAELVKD
;
A
2 'polypeptide(L)' (UMA)(FGA)K(DAL)(DAL) B
#
# COMPACT_ATOMS: atom_id res chain seq x y z
N PRO A 1 -11.70 21.18 7.33
CA PRO A 1 -10.58 22.10 7.62
C PRO A 1 -9.26 21.55 7.09
N VAL A 2 -8.29 22.43 6.91
CA VAL A 2 -6.97 22.04 6.43
C VAL A 2 -6.04 21.91 7.64
N LEU A 3 -5.24 20.86 7.65
CA LEU A 3 -4.33 20.63 8.75
C LEU A 3 -3.11 21.55 8.71
N ASN A 4 -2.83 22.21 9.83
CA ASN A 4 -1.66 23.09 9.93
C ASN A 4 -0.53 22.18 10.40
N LEU A 5 0.37 21.83 9.48
CA LEU A 5 1.48 20.94 9.80
C LEU A 5 2.46 21.51 10.82
N ASN A 6 2.34 22.79 11.11
CA ASN A 6 3.22 23.44 12.08
C ASN A 6 2.59 23.55 13.46
N ASP A 7 1.41 22.95 13.62
CA ASP A 7 0.70 22.95 14.89
C ASP A 7 0.82 21.54 15.47
N PRO A 8 1.77 21.33 16.40
CA PRO A 8 2.00 20.03 17.02
C PRO A 8 0.75 19.36 17.58
N GLN A 9 -0.13 20.15 18.18
CA GLN A 9 -1.36 19.62 18.76
C GLN A 9 -2.28 19.09 17.65
N ALA A 10 -2.48 19.89 16.61
CA ALA A 10 -3.32 19.52 15.47
C ALA A 10 -2.79 18.27 14.79
N VAL A 11 -1.47 18.21 14.60
CA VAL A 11 -0.85 17.05 13.96
C VAL A 11 -1.07 15.77 14.76
N GLU A 12 -0.90 15.86 16.06
CA GLU A 12 -1.10 14.70 16.94
C GLU A 12 -2.54 14.20 16.88
N ARG A 13 -3.50 15.13 16.81
CA ARG A 13 -4.90 14.72 16.75
C ARG A 13 -5.18 14.02 15.42
N TYR A 14 -4.59 14.56 14.36
CA TYR A 14 -4.76 13.99 13.01
C TYR A 14 -4.15 12.60 12.98
N GLU A 15 -2.94 12.47 13.51
CA GLU A 15 -2.24 11.20 13.54
C GLU A 15 -2.95 10.13 14.36
N GLU A 16 -3.50 10.53 15.51
CA GLU A 16 -4.21 9.58 16.36
C GLU A 16 -5.43 9.04 15.62
N PHE A 17 -6.11 9.90 14.87
CA PHE A 17 -7.27 9.45 14.10
C PHE A 17 -6.84 8.43 13.04
N MET A 18 -5.81 8.79 12.29
CA MET A 18 -5.31 7.91 11.22
C MET A 18 -4.86 6.55 11.75
N ARG A 19 -4.02 6.56 12.78
CA ARG A 19 -3.47 5.33 13.34
C ARG A 19 -4.50 4.44 14.03
N GLN A 20 -5.58 5.02 14.54
CA GLN A 20 -6.59 4.24 15.23
C GLN A 20 -7.81 3.88 14.38
N SER A 21 -7.89 4.42 13.17
CA SER A 21 -9.03 4.14 12.30
C SER A 21 -8.96 2.76 11.65
N PRO A 22 -10.10 2.07 11.57
CA PRO A 22 -10.06 0.75 10.92
C PRO A 22 -9.78 0.93 9.43
N TYR A 23 -9.89 2.17 8.95
CA TYR A 23 -9.63 2.48 7.53
C TYR A 23 -8.24 3.06 7.32
N GLY A 24 -7.44 3.08 8.39
CA GLY A 24 -6.10 3.63 8.30
C GLY A 24 -5.23 2.97 7.24
N GLN A 25 -4.42 3.79 6.58
CA GLN A 25 -3.50 3.33 5.53
C GLN A 25 -2.16 4.00 5.80
N VAL A 26 -1.07 3.24 5.68
CA VAL A 26 0.24 3.83 5.92
C VAL A 26 0.52 4.93 4.90
N THR A 27 -0.02 4.79 3.70
CA THR A 27 0.20 5.79 2.66
C THR A 27 -0.63 7.06 2.88
N GLN A 28 -1.48 7.04 3.91
CA GLN A 28 -2.29 8.19 4.28
C GLN A 28 -1.74 8.80 5.57
N ASP A 29 -0.73 8.16 6.14
CA ASP A 29 -0.11 8.66 7.36
C ASP A 29 0.74 9.86 6.98
N LEU A 30 0.89 10.84 7.87
CA LEU A 30 1.71 12.00 7.56
C LEU A 30 3.16 11.59 7.31
N GLY A 31 3.52 10.40 7.77
CA GLY A 31 4.87 9.93 7.56
C GLY A 31 5.15 9.67 6.11
N TRP A 32 4.10 9.35 5.34
CA TRP A 32 4.27 9.07 3.92
C TRP A 32 4.79 10.30 3.17
N ALA A 33 4.38 11.49 3.61
CA ALA A 33 4.82 12.73 2.99
C ALA A 33 6.32 12.89 3.18
N LYS A 34 6.83 12.37 4.30
CA LYS A 34 8.26 12.44 4.58
C LYS A 34 9.02 11.50 3.64
N VAL A 35 8.39 10.41 3.23
CA VAL A 35 9.01 9.48 2.31
C VAL A 35 9.00 10.09 0.91
N LYS A 36 7.83 10.57 0.49
CA LYS A 36 7.65 11.22 -0.80
C LYS A 36 7.96 12.71 -0.63
N ASN A 37 9.15 12.99 -0.12
CA ASN A 37 9.55 14.36 0.14
C ASN A 37 9.67 15.27 -1.08
N ASN A 38 9.54 14.70 -2.28
CA ASN A 38 9.61 15.50 -3.49
C ASN A 38 8.21 15.95 -3.93
N TRP A 39 7.21 15.59 -3.13
CA TRP A 39 5.82 15.97 -3.39
C TRP A 39 5.41 16.98 -2.31
N GLU A 40 4.39 17.80 -2.60
CA GLU A 40 3.92 18.80 -1.65
C GLU A 40 2.70 18.27 -0.89
N PRO A 41 2.76 18.28 0.45
CA PRO A 41 1.61 17.77 1.21
C PRO A 41 0.52 18.79 1.53
N VAL A 42 -0.73 18.34 1.39
CA VAL A 42 -1.91 19.14 1.69
C VAL A 42 -2.87 18.12 2.33
N ASP A 43 -3.18 18.33 3.61
CA ASP A 43 -4.04 17.40 4.32
C ASP A 43 -5.28 18.07 4.87
N VAL A 44 -6.42 17.42 4.72
CA VAL A 44 -7.67 17.97 5.23
C VAL A 44 -8.42 16.93 6.05
N TYR A 45 -9.43 17.38 6.78
CA TYR A 45 -10.22 16.49 7.61
C TYR A 45 -11.59 17.11 7.89
N LEU A 46 -12.50 16.28 8.39
CA LEU A 46 -13.84 16.72 8.75
C LEU A 46 -14.05 16.29 10.18
N GLU A 47 -14.86 17.04 10.91
CA GLU A 47 -15.16 16.73 12.31
C GLU A 47 -16.64 16.41 12.43
N ASP A 48 -17.00 15.59 13.41
CA ASP A 48 -18.41 15.26 13.61
C ASP A 48 -19.03 16.36 14.46
N ASP A 49 -20.27 16.18 14.90
CA ASP A 49 -20.94 17.20 15.71
C ASP A 49 -20.28 17.47 17.05
N GLN A 50 -19.37 16.61 17.49
CA GLN A 50 -18.69 16.82 18.76
C GLN A 50 -17.27 17.35 18.59
N GLY A 51 -16.93 17.75 17.36
CA GLY A 51 -15.61 18.29 17.10
C GLY A 51 -14.50 17.27 16.90
N ALA A 52 -14.84 15.99 16.92
CA ALA A 52 -13.84 14.94 16.73
C ALA A 52 -13.65 14.65 15.24
N ILE A 53 -12.42 14.29 14.85
CA ILE A 53 -12.18 13.98 13.44
C ILE A 53 -12.94 12.72 13.05
N ILE A 54 -13.68 12.80 11.94
CA ILE A 54 -14.46 11.67 11.46
C ILE A 54 -13.98 11.17 10.09
N ALA A 55 -13.22 12.00 9.40
CA ALA A 55 -12.70 11.63 8.08
C ALA A 55 -11.49 12.48 7.75
N ALA A 56 -10.52 11.91 7.06
CA ALA A 56 -9.33 12.66 6.71
C ALA A 56 -8.73 12.19 5.38
N MET A 57 -8.01 13.08 4.75
CA MET A 57 -7.38 12.78 3.47
C MET A 57 -6.04 13.46 3.37
N SER A 58 -4.99 12.66 3.22
CA SER A 58 -3.64 13.20 3.08
C SER A 58 -3.34 13.19 1.59
N MET A 59 -3.13 14.36 1.03
CA MET A 59 -2.83 14.49 -0.39
C MET A 59 -1.39 14.87 -0.63
N LEU A 60 -0.88 14.49 -1.80
CA LEU A 60 0.48 14.82 -2.20
C LEU A 60 0.30 15.41 -3.59
N LEU A 61 0.91 16.57 -3.81
CA LEU A 61 0.82 17.25 -5.10
C LEU A 61 2.11 17.08 -5.89
N GLY A 62 1.96 16.66 -7.15
CA GLY A 62 3.11 16.46 -8.00
C GLY A 62 3.02 17.28 -9.27
N ASP A 63 4.15 17.47 -9.94
CA ASP A 63 4.19 18.25 -11.17
C ASP A 63 3.73 17.46 -12.40
N THR A 64 3.36 18.19 -13.44
CA THR A 64 2.90 17.61 -14.70
C THR A 64 3.54 18.43 -15.82
N PRO A 65 3.31 18.04 -17.08
CA PRO A 65 3.91 18.81 -18.18
C PRO A 65 3.11 20.09 -18.43
N THR A 66 2.10 20.33 -17.60
CA THR A 66 1.24 21.51 -17.74
C THR A 66 1.43 22.44 -16.54
N ASP A 67 0.67 23.53 -16.50
CA ASP A 67 0.78 24.47 -15.40
C ASP A 67 0.03 24.01 -14.15
N LYS A 68 -0.64 22.86 -14.24
CA LYS A 68 -1.39 22.35 -13.10
C LYS A 68 -0.68 21.21 -12.37
N LYS A 69 -1.03 21.01 -11.11
CA LYS A 69 -0.47 19.96 -10.28
C LYS A 69 -1.41 18.75 -10.28
N PHE A 70 -0.85 17.59 -9.94
CA PHE A 70 -1.61 16.35 -9.85
C PHE A 70 -1.74 16.10 -8.35
N ALA A 71 -2.98 16.08 -7.85
CA ALA A 71 -3.22 15.84 -6.43
C ALA A 71 -3.61 14.38 -6.24
N TYR A 72 -2.86 13.68 -5.41
CA TYR A 72 -3.08 12.26 -5.19
C TYR A 72 -3.12 11.86 -3.72
N ALA A 73 -4.16 11.13 -3.33
CA ALA A 73 -4.31 10.67 -1.96
C ALA A 73 -4.24 9.14 -2.05
N SER A 74 -3.02 8.61 -2.04
CA SER A 74 -2.80 7.18 -2.18
C SER A 74 -3.51 6.33 -1.13
N LYS A 75 -4.40 5.46 -1.61
CA LYS A 75 -5.20 4.57 -0.80
C LYS A 75 -6.07 5.28 0.24
N GLY A 76 -6.38 6.54 -0.06
CA GLY A 76 -7.23 7.33 0.81
C GLY A 76 -8.58 7.53 0.15
N PRO A 77 -9.52 8.25 0.77
CA PRO A 77 -9.36 8.89 2.09
C PRO A 77 -9.56 7.86 3.18
N VAL A 78 -9.39 8.30 4.43
CA VAL A 78 -9.56 7.43 5.59
C VAL A 78 -10.94 7.70 6.17
N MET A 79 -11.86 6.80 5.84
CA MET A 79 -13.25 6.86 6.25
C MET A 79 -13.94 5.74 5.45
N ASP A 80 -15.26 5.62 5.59
CA ASP A 80 -16.00 4.61 4.83
C ASP A 80 -16.38 5.33 3.53
N VAL A 81 -15.60 5.08 2.48
CA VAL A 81 -15.82 5.73 1.20
C VAL A 81 -17.18 5.46 0.56
N THR A 82 -17.85 4.39 0.98
CA THR A 82 -19.17 4.10 0.41
C THR A 82 -20.20 5.10 0.96
N ASP A 83 -19.80 5.87 1.96
CA ASP A 83 -20.66 6.90 2.55
C ASP A 83 -20.36 8.10 1.67
N VAL A 84 -20.88 8.07 0.45
CA VAL A 84 -20.62 9.10 -0.56
C VAL A 84 -21.00 10.53 -0.17
N ASP A 85 -22.03 10.71 0.64
CA ASP A 85 -22.39 12.07 1.04
C ASP A 85 -21.26 12.64 1.91
N LEU A 86 -20.77 11.82 2.83
CA LEU A 86 -19.67 12.25 3.70
C LEU A 86 -18.42 12.46 2.83
N LEU A 87 -18.23 11.57 1.87
CA LEU A 87 -17.07 11.69 0.97
C LEU A 87 -17.12 13.02 0.23
N ASP A 88 -18.29 13.38 -0.26
CA ASP A 88 -18.42 14.65 -0.99
C ASP A 88 -17.98 15.82 -0.12
N ARG A 89 -18.36 15.80 1.16
CA ARG A 89 -18.00 16.88 2.07
C ARG A 89 -16.50 16.94 2.33
N LEU A 90 -15.86 15.77 2.44
CA LEU A 90 -14.43 15.72 2.67
C LEU A 90 -13.70 16.24 1.43
N VAL A 91 -14.16 15.83 0.25
CA VAL A 91 -13.57 16.26 -0.99
C VAL A 91 -13.73 17.77 -1.17
N ASP A 92 -14.88 18.31 -0.73
CA ASP A 92 -15.09 19.75 -0.83
C ASP A 92 -13.99 20.48 -0.06
N GLU A 93 -13.69 19.98 1.15
CA GLU A 93 -12.63 20.58 1.97
C GLU A 93 -11.30 20.48 1.24
N ALA A 94 -11.06 19.33 0.61
CA ALA A 94 -9.81 19.10 -0.12
C ALA A 94 -9.71 20.06 -1.31
N VAL A 95 -10.81 20.23 -2.03
CA VAL A 95 -10.83 21.11 -3.20
C VAL A 95 -10.52 22.56 -2.78
N LYS A 96 -11.07 22.98 -1.64
CA LYS A 96 -10.82 24.33 -1.15
C LYS A 96 -9.35 24.47 -0.78
N ALA A 97 -8.79 23.43 -0.18
CA ALA A 97 -7.38 23.46 0.22
C ALA A 97 -6.44 23.47 -0.98
N LEU A 98 -6.87 22.88 -2.09
CA LEU A 98 -6.05 22.84 -3.30
C LEU A 98 -6.00 24.21 -3.99
N ASP A 99 -7.00 25.03 -3.71
CA ASP A 99 -7.05 26.40 -4.24
C ASP A 99 -6.83 26.54 -5.75
N GLY A 100 -7.40 25.61 -6.53
CA GLY A 100 -7.27 25.67 -7.97
C GLY A 100 -5.92 25.37 -8.60
N ARG A 101 -5.00 24.81 -7.82
CA ARG A 101 -3.67 24.50 -8.33
C ARG A 101 -3.55 23.14 -9.02
N ALA A 102 -4.52 22.26 -8.81
CA ALA A 102 -4.48 20.92 -9.39
C ALA A 102 -5.58 20.72 -10.43
N TYR A 103 -5.31 19.85 -11.41
CA TYR A 103 -6.31 19.58 -12.45
C TYR A 103 -7.22 18.43 -12.04
N VAL A 104 -6.81 17.72 -10.99
CA VAL A 104 -7.60 16.60 -10.50
C VAL A 104 -7.14 16.18 -9.11
N LEU A 105 -8.09 15.62 -8.35
CA LEU A 105 -7.79 15.08 -7.03
C LEU A 105 -8.16 13.62 -7.21
N ARG A 106 -7.17 12.74 -7.12
CA ARG A 106 -7.39 11.32 -7.30
C ARG A 106 -7.13 10.54 -6.01
N PHE A 107 -8.03 9.60 -5.72
CA PHE A 107 -7.86 8.74 -4.57
C PHE A 107 -8.28 7.32 -4.95
N ASP A 108 -7.48 6.35 -4.52
CA ASP A 108 -7.73 4.95 -4.83
C ASP A 108 -7.87 4.10 -3.57
N PRO A 109 -9.02 4.21 -2.90
CA PRO A 109 -9.28 3.45 -1.66
C PRO A 109 -9.42 1.94 -1.85
N GLU A 110 -9.03 1.20 -0.82
CA GLU A 110 -9.10 -0.25 -0.85
C GLU A 110 -10.49 -0.72 -0.49
N VAL A 111 -11.43 -0.44 -1.39
CA VAL A 111 -12.82 -0.84 -1.24
C VAL A 111 -13.15 -1.67 -2.47
N ALA A 112 -13.89 -2.76 -2.26
CA ALA A 112 -14.24 -3.66 -3.36
C ALA A 112 -14.97 -2.99 -4.52
N TYR A 113 -14.65 -3.43 -5.74
CA TYR A 113 -15.33 -2.90 -6.91
C TYR A 113 -16.73 -3.50 -6.94
N SER A 114 -17.68 -2.74 -7.47
CA SER A 114 -19.04 -3.23 -7.66
C SER A 114 -19.69 -2.24 -8.63
N ASP A 115 -20.57 -2.73 -9.50
CA ASP A 115 -21.22 -1.84 -10.45
C ASP A 115 -22.01 -0.77 -9.70
N GLU A 116 -22.67 -1.19 -8.62
CA GLU A 116 -23.47 -0.27 -7.82
C GLU A 116 -22.63 0.92 -7.30
N PHE A 117 -21.50 0.62 -6.68
CA PHE A 117 -20.63 1.67 -6.14
C PHE A 117 -20.05 2.54 -7.27
N ASN A 118 -19.64 1.90 -8.35
CA ASN A 118 -19.06 2.59 -9.49
C ASN A 118 -20.08 3.60 -10.04
N THR A 119 -21.34 3.18 -10.13
CA THR A 119 -22.40 4.03 -10.65
C THR A 119 -22.72 5.18 -9.71
N THR A 120 -22.77 4.89 -8.41
CA THR A 120 -23.06 5.94 -7.43
C THR A 120 -21.99 7.04 -7.52
N LEU A 121 -20.73 6.63 -7.59
CA LEU A 121 -19.64 7.59 -7.68
C LEU A 121 -19.80 8.47 -8.92
N GLN A 122 -20.12 7.84 -10.05
CA GLN A 122 -20.30 8.61 -11.27
C GLN A 122 -21.49 9.56 -11.12
N ASP A 123 -22.55 9.10 -10.47
CA ASP A 123 -23.74 9.92 -10.25
C ASP A 123 -23.40 11.17 -9.43
N HIS A 124 -22.38 11.07 -8.58
CA HIS A 124 -21.97 12.21 -7.77
C HIS A 124 -20.93 13.07 -8.47
N GLY A 125 -20.68 12.78 -9.75
CA GLY A 125 -19.74 13.58 -10.51
C GLY A 125 -18.31 13.09 -10.62
N TYR A 126 -17.96 11.99 -9.97
CA TYR A 126 -16.59 11.51 -10.07
C TYR A 126 -16.39 10.68 -11.34
N VAL A 127 -15.14 10.63 -11.81
CA VAL A 127 -14.79 9.83 -12.97
C VAL A 127 -14.03 8.66 -12.38
N THR A 128 -14.47 7.44 -12.68
CA THR A 128 -13.80 6.27 -12.14
C THR A 128 -12.97 5.53 -13.18
N ARG A 129 -11.85 4.98 -12.74
CA ARG A 129 -10.97 4.23 -13.63
C ARG A 129 -10.77 2.84 -13.07
N ASN A 130 -11.41 1.86 -13.70
CA ASN A 130 -11.26 0.47 -13.28
C ASN A 130 -11.31 -0.48 -14.47
N ARG A 131 -12.43 -1.17 -14.65
CA ARG A 131 -12.55 -2.12 -15.74
C ARG A 131 -12.52 -1.48 -17.13
N ASN A 132 -12.70 -0.16 -17.17
CA ASN A 132 -12.71 0.59 -18.43
C ASN A 132 -11.35 1.04 -18.94
N VAL A 133 -10.30 0.88 -18.15
CA VAL A 133 -8.97 1.31 -18.59
C VAL A 133 -8.00 0.16 -18.84
N ALA A 134 -6.90 0.47 -19.50
CA ALA A 134 -5.88 -0.53 -19.84
C ALA A 134 -5.34 -1.22 -18.60
N ASP A 135 -4.99 -2.50 -18.73
CA ASP A 135 -4.45 -3.28 -17.62
C ASP A 135 -3.04 -2.86 -17.23
N ALA A 136 -2.28 -2.33 -18.19
CA ALA A 136 -0.92 -1.91 -17.92
C ALA A 136 -0.51 -0.77 -18.84
N GLY A 137 0.62 -0.14 -18.54
CA GLY A 137 1.08 0.96 -19.36
C GLY A 137 0.83 2.32 -18.74
N MET A 138 1.14 3.38 -19.48
CA MET A 138 0.96 4.74 -18.98
C MET A 138 -0.49 5.12 -18.73
N HIS A 139 -1.42 4.27 -19.17
CA HIS A 139 -2.84 4.53 -18.97
C HIS A 139 -3.46 3.75 -17.83
N ALA A 140 -2.74 2.75 -17.33
CA ALA A 140 -3.24 1.92 -16.24
C ALA A 140 -3.31 2.68 -14.92
N THR A 141 -4.03 2.11 -13.95
CA THR A 141 -4.15 2.72 -12.63
C THR A 141 -2.76 2.70 -11.99
N ILE A 142 -2.49 3.67 -11.12
CA ILE A 142 -1.21 3.74 -10.43
C ILE A 142 -1.01 2.50 -9.56
N GLN A 143 -2.04 2.17 -8.79
CA GLN A 143 -2.01 0.99 -7.92
C GLN A 143 -2.76 -0.15 -8.61
N PRO A 144 -2.29 -1.38 -8.44
CA PRO A 144 -2.98 -2.51 -9.06
C PRO A 144 -4.32 -2.72 -8.35
N ARG A 145 -5.37 -2.96 -9.12
CA ARG A 145 -6.69 -3.15 -8.52
C ARG A 145 -6.91 -4.55 -7.99
N LEU A 146 -6.16 -5.51 -8.53
CA LEU A 146 -6.25 -6.89 -8.08
C LEU A 146 -5.14 -7.13 -7.06
N ASN A 147 -5.53 -7.45 -5.84
CA ASN A 147 -4.58 -7.67 -4.75
C ASN A 147 -4.82 -8.96 -4.00
N MET A 148 -3.72 -9.63 -3.65
CA MET A 148 -3.81 -10.90 -2.93
C MET A 148 -3.81 -10.62 -1.43
N VAL A 149 -4.99 -10.70 -0.84
CA VAL A 149 -5.14 -10.42 0.58
C VAL A 149 -5.56 -11.64 1.39
N LEU A 150 -4.79 -11.93 2.44
CA LEU A 150 -5.06 -13.05 3.33
C LEU A 150 -5.87 -12.55 4.52
N ASP A 151 -7.09 -13.05 4.69
CA ASP A 151 -7.95 -12.62 5.80
C ASP A 151 -7.71 -13.53 7.00
N LEU A 152 -6.84 -13.08 7.89
CA LEU A 152 -6.50 -13.84 9.08
C LEU A 152 -7.65 -14.01 10.07
N THR A 153 -8.69 -13.20 9.94
CA THR A 153 -9.81 -13.33 10.87
C THR A 153 -10.60 -14.61 10.59
N LYS A 154 -10.28 -15.27 9.48
CA LYS A 154 -10.95 -16.52 9.15
C LYS A 154 -10.35 -17.67 9.96
N PHE A 155 -9.23 -17.40 10.62
CA PHE A 155 -8.54 -18.39 11.44
C PHE A 155 -8.26 -17.82 12.84
N PRO A 156 -9.32 -17.59 13.63
CA PRO A 156 -9.20 -17.04 14.98
C PRO A 156 -8.21 -17.73 15.92
N ASP A 157 -8.11 -19.06 15.84
CA ASP A 157 -7.21 -19.78 16.73
C ASP A 157 -5.84 -20.10 16.16
N ALA A 158 -5.55 -19.62 14.96
CA ALA A 158 -4.24 -19.88 14.35
C ALA A 158 -3.10 -19.36 15.24
N LYS A 159 -2.11 -20.19 15.49
CA LYS A 159 -0.97 -19.78 16.32
C LYS A 159 0.24 -19.48 15.46
N THR A 160 0.41 -20.24 14.38
CA THR A 160 1.55 -20.04 13.48
C THR A 160 1.07 -20.03 12.04
N THR A 161 1.93 -19.54 11.16
CA THR A 161 1.63 -19.44 9.74
C THR A 161 1.11 -20.75 9.16
N LEU A 162 1.73 -21.86 9.56
CA LEU A 162 1.31 -23.17 9.05
C LEU A 162 -0.15 -23.51 9.28
N ASP A 163 -0.72 -23.02 10.37
CA ASP A 163 -2.12 -23.28 10.70
C ASP A 163 -3.12 -22.72 9.69
N LEU A 164 -2.66 -21.89 8.78
CA LEU A 164 -3.55 -21.27 7.79
C LEU A 164 -3.60 -22.02 6.46
N TYR A 165 -2.74 -23.01 6.29
CA TYR A 165 -2.66 -23.68 5.01
C TYR A 165 -2.88 -25.18 4.89
N PRO A 166 -3.22 -25.65 3.68
CA PRO A 166 -3.45 -27.07 3.43
C PRO A 166 -2.08 -27.73 3.49
N SER A 167 -2.05 -29.03 3.69
CA SER A 167 -0.80 -29.78 3.80
C SER A 167 0.18 -29.54 2.65
N LYS A 168 -0.35 -29.49 1.43
CA LYS A 168 0.48 -29.27 0.25
C LYS A 168 1.31 -27.98 0.39
N THR A 169 0.71 -26.95 0.98
CA THR A 169 1.39 -25.68 1.15
C THR A 169 2.27 -25.66 2.39
N LYS A 170 1.88 -26.38 3.43
CA LYS A 170 2.70 -26.44 4.65
C LYS A 170 4.07 -26.97 4.22
N SER A 171 4.06 -27.93 3.31
CA SER A 171 5.29 -28.54 2.81
C SER A 171 6.18 -27.53 2.11
N LYS A 172 5.59 -26.70 1.27
CA LYS A 172 6.34 -25.69 0.53
C LYS A 172 6.96 -24.67 1.49
N ILE A 173 6.21 -24.28 2.50
CA ILE A 173 6.69 -23.31 3.47
C ILE A 173 7.80 -23.85 4.36
N LYS A 174 7.68 -25.11 4.75
CA LYS A 174 8.68 -25.75 5.60
C LYS A 174 10.02 -25.98 4.88
N ARG A 175 9.95 -26.17 3.56
CA ARG A 175 11.13 -26.46 2.75
C ARG A 175 12.35 -25.56 2.98
N PRO A 176 12.20 -24.22 2.87
CA PRO A 176 13.37 -23.37 3.09
C PRO A 176 13.99 -23.49 4.49
N PHE A 177 13.15 -23.58 5.52
CA PHE A 177 13.65 -23.71 6.88
C PHE A 177 14.36 -25.06 7.07
N ARG A 178 13.80 -26.10 6.46
CA ARG A 178 14.38 -27.42 6.55
C ARG A 178 15.77 -27.39 5.90
N ASP A 179 15.91 -26.61 4.84
CA ASP A 179 17.18 -26.50 4.12
C ASP A 179 18.18 -25.49 4.69
N GLY A 180 17.94 -25.02 5.91
CA GLY A 180 18.86 -24.09 6.54
C GLY A 180 18.58 -22.60 6.50
N VAL A 181 17.56 -22.18 5.76
CA VAL A 181 17.25 -20.76 5.68
C VAL A 181 16.78 -20.24 7.04
N GLU A 182 17.33 -19.11 7.44
CA GLU A 182 16.97 -18.47 8.71
C GLU A 182 16.60 -17.02 8.45
N VAL A 183 15.61 -16.52 9.18
CA VAL A 183 15.18 -15.14 9.00
C VAL A 183 15.27 -14.30 10.25
N HIS A 184 15.87 -13.11 10.12
CA HIS A 184 15.94 -12.19 11.23
C HIS A 184 15.24 -10.93 10.75
N SER A 185 14.76 -10.11 11.69
CA SER A 185 14.06 -8.91 11.27
C SER A 185 14.30 -7.73 12.21
N GLY A 186 14.09 -6.53 11.69
CA GLY A 186 14.27 -5.32 12.47
C GLY A 186 14.11 -4.12 11.56
N ASN A 187 14.55 -2.96 12.03
CA ASN A 187 14.45 -1.75 11.21
C ASN A 187 15.68 -0.89 11.46
N SER A 188 16.85 -1.53 11.45
CA SER A 188 18.10 -0.81 11.67
C SER A 188 18.78 -0.59 10.33
N ALA A 189 19.83 0.21 10.33
CA ALA A 189 20.58 0.50 9.12
C ALA A 189 21.16 -0.78 8.51
N THR A 190 21.53 -1.73 9.36
CA THR A 190 22.10 -2.98 8.86
C THR A 190 21.09 -3.78 8.03
N GLU A 191 19.86 -3.89 8.51
CA GLU A 191 18.84 -4.62 7.76
C GLU A 191 18.53 -3.89 6.45
N LEU A 192 18.54 -2.56 6.50
CA LEU A 192 18.26 -1.78 5.29
C LEU A 192 19.35 -2.03 4.24
N ASP A 193 20.60 -2.14 4.69
CA ASP A 193 21.70 -2.38 3.76
C ASP A 193 21.55 -3.75 3.10
N GLU A 194 21.12 -4.74 3.88
CA GLU A 194 20.93 -6.08 3.37
C GLU A 194 19.77 -6.09 2.37
N PHE A 195 18.69 -5.39 2.72
CA PHE A 195 17.55 -5.30 1.81
C PHE A 195 18.00 -4.65 0.50
N PHE A 196 18.67 -3.51 0.61
CA PHE A 196 19.10 -2.79 -0.58
C PHE A 196 19.98 -3.61 -1.51
N LYS A 197 20.84 -4.46 -0.95
CA LYS A 197 21.69 -5.26 -1.81
C LYS A 197 20.86 -6.25 -2.61
N THR A 198 19.85 -6.86 -1.98
CA THR A 198 19.01 -7.82 -2.71
C THR A 198 18.06 -7.11 -3.66
N TYR A 199 17.63 -5.92 -3.28
CA TYR A 199 16.72 -5.12 -4.08
C TYR A 199 17.38 -4.65 -5.37
N THR A 200 18.62 -4.17 -5.28
CA THR A 200 19.35 -3.71 -6.46
C THR A 200 19.80 -4.88 -7.33
N THR A 201 20.15 -6.00 -6.69
CA THR A 201 20.58 -7.18 -7.43
C THR A 201 19.40 -7.68 -8.27
N MET A 202 18.23 -7.72 -7.64
CA MET A 202 17.00 -8.16 -8.29
C MET A 202 16.66 -7.28 -9.49
N ALA A 203 16.83 -5.97 -9.33
CA ALA A 203 16.54 -5.02 -10.40
C ALA A 203 17.53 -5.16 -11.55
N GLU A 204 18.79 -5.38 -11.23
CA GLU A 204 19.82 -5.54 -12.24
C GLU A 204 19.57 -6.83 -13.02
N ARG A 205 19.17 -7.88 -12.31
CA ARG A 205 18.89 -9.17 -12.92
C ARG A 205 17.75 -9.06 -13.92
N HIS A 206 16.73 -8.27 -13.58
CA HIS A 206 15.58 -8.10 -14.45
C HIS A 206 15.79 -6.94 -15.42
N GLY A 207 16.90 -6.22 -15.27
CA GLY A 207 17.18 -5.09 -16.15
C GLY A 207 16.19 -3.96 -15.98
N ILE A 208 15.75 -3.75 -14.73
CA ILE A 208 14.79 -2.70 -14.43
C ILE A 208 15.37 -1.65 -13.49
N THR A 209 14.63 -0.55 -13.29
CA THR A 209 15.09 0.52 -12.41
C THR A 209 14.74 0.18 -10.95
N HIS A 210 15.30 0.97 -10.03
CA HIS A 210 15.03 0.77 -8.61
C HIS A 210 15.09 2.12 -7.91
N ARG A 211 14.38 2.24 -6.78
CA ARG A 211 14.39 3.48 -6.02
C ARG A 211 15.71 3.61 -5.29
N PRO A 212 16.17 4.86 -5.08
CA PRO A 212 17.44 5.09 -4.38
C PRO A 212 17.34 4.72 -2.91
N ILE A 213 18.47 4.43 -2.27
CA ILE A 213 18.43 4.04 -0.88
C ILE A 213 17.87 5.11 0.05
N GLU A 214 18.06 6.38 -0.30
CA GLU A 214 17.56 7.48 0.53
C GLU A 214 16.05 7.39 0.72
N TYR A 215 15.37 6.82 -0.27
CA TYR A 215 13.93 6.66 -0.20
C TYR A 215 13.58 5.82 1.02
N PHE A 216 14.28 4.71 1.16
CA PHE A 216 14.03 3.80 2.28
C PHE A 216 14.55 4.33 3.61
N GLN A 217 15.58 5.17 3.56
CA GLN A 217 16.13 5.76 4.78
C GLN A 217 15.11 6.74 5.36
N ARG A 218 14.41 7.45 4.49
CA ARG A 218 13.40 8.39 4.95
C ARG A 218 12.27 7.57 5.56
N MET A 219 11.98 6.43 4.94
CA MET A 219 10.93 5.54 5.43
C MET A 219 11.31 5.05 6.83
N GLN A 220 12.55 4.62 7.01
CA GLN A 220 13.01 4.16 8.32
C GLN A 220 12.98 5.28 9.36
N ALA A 221 13.28 6.50 8.93
CA ALA A 221 13.27 7.63 9.84
C ALA A 221 11.85 8.04 10.20
N ALA A 222 10.90 7.80 9.29
CA ALA A 222 9.51 8.17 9.52
C ALA A 222 8.70 7.18 10.36
N PHE A 223 9.07 5.90 10.29
CA PHE A 223 8.33 4.87 11.01
C PHE A 223 9.18 4.04 11.96
N ASP A 224 8.65 3.79 13.15
CA ASP A 224 9.35 3.01 14.16
C ASP A 224 9.33 1.51 13.88
N ALA A 225 10.07 0.76 14.68
CA ALA A 225 10.19 -0.69 14.54
C ALA A 225 8.90 -1.48 14.73
N ASP A 226 7.85 -0.85 15.25
CA ASP A 226 6.58 -1.54 15.44
C ASP A 226 5.66 -1.33 14.25
N THR A 227 6.09 -0.45 13.35
CA THR A 227 5.32 -0.14 12.15
C THR A 227 6.03 -0.67 10.90
N MET A 228 7.32 -0.44 10.82
CA MET A 228 8.12 -0.88 9.68
C MET A 228 9.11 -1.96 10.09
N ARG A 229 9.16 -3.03 9.31
CA ARG A 229 10.09 -4.11 9.64
C ARG A 229 10.66 -4.75 8.38
N ILE A 230 11.97 -4.96 8.40
CA ILE A 230 12.65 -5.57 7.27
C ILE A 230 13.01 -7.00 7.65
N PHE A 231 12.62 -7.94 6.80
CA PHE A 231 12.89 -9.35 7.04
C PHE A 231 14.02 -9.81 6.12
N VAL A 232 15.05 -10.40 6.72
CA VAL A 232 16.20 -10.85 5.95
C VAL A 232 16.42 -12.35 6.12
N ALA A 233 16.42 -13.05 4.99
CA ALA A 233 16.61 -14.50 4.98
C ALA A 233 18.03 -14.83 4.55
N GLU A 234 18.68 -15.71 5.30
CA GLU A 234 20.04 -16.11 4.99
C GLU A 234 20.18 -17.62 5.20
N ARG A 235 21.23 -18.20 4.60
CA ARG A 235 21.51 -19.61 4.80
C ARG A 235 23.01 -19.73 5.00
N GLU A 236 23.38 -20.21 6.18
CA GLU A 236 24.79 -20.39 6.55
C GLU A 236 25.71 -19.27 6.09
N GLY A 237 25.37 -18.05 6.48
CA GLY A 237 26.20 -16.90 6.14
C GLY A 237 25.94 -16.21 4.81
N LYS A 238 25.10 -16.78 3.97
CA LYS A 238 24.82 -16.15 2.68
C LYS A 238 23.46 -15.49 2.61
N LEU A 239 23.45 -14.23 2.21
CA LEU A 239 22.22 -13.45 2.06
C LEU A 239 21.45 -14.02 0.87
N LEU A 240 20.16 -14.29 1.07
CA LEU A 240 19.34 -14.86 0.00
C LEU A 240 18.23 -13.97 -0.52
N SER A 241 17.37 -13.49 0.37
CA SER A 241 16.28 -12.62 -0.06
C SER A 241 15.77 -11.82 1.14
N THR A 242 15.06 -10.74 0.85
CA THR A 242 14.54 -9.88 1.91
C THR A 242 13.17 -9.35 1.53
N GLY A 243 12.51 -8.72 2.48
CA GLY A 243 11.21 -8.15 2.22
C GLY A 243 10.95 -7.08 3.24
N ILE A 244 10.19 -6.06 2.87
CA ILE A 244 9.86 -4.98 3.79
C ILE A 244 8.35 -5.03 3.99
N ALA A 245 7.93 -4.99 5.25
CA ALA A 245 6.51 -5.02 5.58
C ALA A 245 6.16 -3.85 6.50
N LEU A 246 4.99 -3.27 6.27
CA LEU A 246 4.51 -2.17 7.07
C LEU A 246 3.22 -2.56 7.76
N LYS A 247 3.18 -2.39 9.07
CA LYS A 247 2.00 -2.71 9.86
C LYS A 247 1.28 -1.40 10.15
N TYR A 248 0.04 -1.30 9.70
CA TYR A 248 -0.73 -0.08 9.91
C TYR A 248 -2.21 -0.38 9.76
N GLY A 249 -3.03 0.23 10.60
CA GLY A 249 -4.46 -0.03 10.51
C GLY A 249 -4.76 -1.50 10.74
N ARG A 250 -5.62 -2.07 9.92
CA ARG A 250 -6.00 -3.48 10.06
C ARG A 250 -5.14 -4.45 9.27
N LYS A 251 -3.98 -4.03 8.79
CA LYS A 251 -3.18 -4.96 8.01
C LYS A 251 -1.68 -4.79 8.08
N ILE A 252 -0.99 -5.83 7.64
CA ILE A 252 0.46 -5.79 7.52
C ILE A 252 0.58 -5.90 6.01
N TRP A 253 1.40 -5.03 5.43
CA TRP A 253 1.53 -4.99 3.99
C TRP A 253 2.93 -5.30 3.48
N TYR A 254 3.02 -6.35 2.66
CA TYR A 254 4.26 -6.78 2.04
C TYR A 254 4.47 -5.77 0.92
N MET A 255 5.38 -4.83 1.13
CA MET A 255 5.62 -3.73 0.20
C MET A 255 6.81 -3.80 -0.76
N TYR A 256 7.94 -4.31 -0.28
CA TYR A 256 9.14 -4.41 -1.12
C TYR A 256 9.84 -5.73 -0.93
N ALA A 257 10.59 -6.15 -1.96
CA ALA A 257 11.31 -7.41 -1.89
C ALA A 257 12.56 -7.40 -2.74
N GLY A 258 13.49 -8.28 -2.39
CA GLY A 258 14.73 -8.42 -3.12
C GLY A 258 15.21 -9.84 -2.98
N SER A 259 15.95 -10.31 -3.97
CA SER A 259 16.49 -11.66 -3.95
C SER A 259 17.74 -11.68 -4.80
N MET A 260 18.74 -12.41 -4.31
CA MET A 260 20.02 -12.54 -5.02
C MET A 260 19.88 -13.49 -6.22
N ASP A 261 20.93 -13.56 -7.03
CA ASP A 261 20.95 -14.43 -8.20
C ASP A 261 21.18 -15.89 -7.79
N GLY A 262 20.90 -16.81 -8.70
CA GLY A 262 21.11 -18.23 -8.43
C GLY A 262 20.18 -18.92 -7.46
N ASN A 263 20.72 -19.92 -6.77
CA ASN A 263 19.98 -20.72 -5.80
C ASN A 263 19.62 -19.91 -4.56
N THR A 264 18.33 -19.72 -4.31
CA THR A 264 17.88 -18.97 -3.14
C THR A 264 17.19 -19.86 -2.11
N TYR A 265 17.20 -21.17 -2.37
CA TYR A 265 16.61 -22.14 -1.45
C TYR A 265 15.19 -21.80 -0.99
N TYR A 266 14.40 -21.22 -1.88
CA TYR A 266 13.02 -20.84 -1.57
C TYR A 266 12.96 -19.86 -0.40
N ALA A 267 14.01 -19.06 -0.23
CA ALA A 267 14.05 -18.09 0.86
C ALA A 267 12.84 -17.14 0.85
N PRO A 268 12.36 -16.75 -0.35
CA PRO A 268 11.20 -15.86 -0.38
C PRO A 268 9.99 -16.41 0.38
N TYR A 269 9.86 -17.74 0.40
CA TYR A 269 8.76 -18.37 1.12
C TYR A 269 8.95 -18.18 2.62
N ALA A 270 10.21 -18.23 3.06
CA ALA A 270 10.53 -18.08 4.47
C ALA A 270 10.21 -16.65 4.93
N VAL A 271 10.56 -15.67 4.10
CA VAL A 271 10.28 -14.28 4.41
C VAL A 271 8.77 -14.10 4.60
N GLN A 272 8.00 -14.63 3.65
CA GLN A 272 6.54 -14.52 3.72
C GLN A 272 6.00 -15.14 5.00
N SER A 273 6.51 -16.33 5.33
CA SER A 273 6.07 -17.03 6.54
C SER A 273 6.28 -16.20 7.81
N GLU A 274 7.41 -15.49 7.87
CA GLU A 274 7.71 -14.66 9.04
C GLU A 274 6.88 -13.38 9.09
N MET A 275 6.58 -12.82 7.92
CA MET A 275 5.77 -11.61 7.88
C MET A 275 4.37 -11.98 8.36
N ILE A 276 3.89 -13.13 7.91
CA ILE A 276 2.57 -13.59 8.31
C ILE A 276 2.56 -13.87 9.81
N GLN A 277 3.65 -14.42 10.32
CA GLN A 277 3.76 -14.73 11.75
C GLN A 277 3.68 -13.44 12.55
N TRP A 278 4.25 -12.36 12.02
CA TRP A 278 4.22 -11.07 12.69
C TRP A 278 2.76 -10.58 12.77
N ALA A 279 2.01 -10.82 11.69
CA ALA A 279 0.61 -10.42 11.65
C ALA A 279 -0.17 -11.20 12.70
N LEU A 280 0.13 -12.49 12.81
CA LEU A 280 -0.55 -13.34 13.79
C LEU A 280 -0.18 -12.91 15.21
N ASP A 281 1.11 -12.72 15.46
CA ASP A 281 1.57 -12.33 16.79
C ASP A 281 0.99 -11.00 17.26
N THR A 282 0.65 -10.13 16.32
CA THR A 282 0.10 -8.81 16.64
C THR A 282 -1.42 -8.76 16.49
N ASN A 283 -2.04 -9.91 16.28
CA ASN A 283 -3.48 -9.99 16.13
C ASN A 283 -4.00 -9.07 15.02
N THR A 284 -3.24 -8.98 13.93
CA THR A 284 -3.64 -8.13 12.82
C THR A 284 -4.67 -8.87 11.98
N ASP A 285 -5.68 -8.14 11.50
CA ASP A 285 -6.76 -8.72 10.69
C ASP A 285 -6.36 -9.22 9.31
N LEU A 286 -5.54 -8.46 8.60
CA LEU A 286 -5.15 -8.83 7.24
C LEU A 286 -3.67 -8.80 6.91
N TYR A 287 -3.28 -9.68 5.99
CA TYR A 287 -1.91 -9.72 5.49
C TYR A 287 -2.09 -9.47 4.00
N ASP A 288 -1.53 -8.38 3.51
CA ASP A 288 -1.66 -7.99 2.12
C ASP A 288 -0.37 -8.23 1.32
N LEU A 289 -0.42 -9.16 0.37
CA LEU A 289 0.75 -9.45 -0.45
C LEU A 289 0.86 -8.55 -1.67
N GLY A 290 -0.10 -7.64 -1.83
CA GLY A 290 -0.03 -6.74 -2.97
C GLY A 290 -0.69 -7.19 -4.25
N GLY A 291 -0.40 -6.46 -5.32
CA GLY A 291 -1.03 -6.75 -6.60
C GLY A 291 -0.49 -7.83 -7.51
N ILE A 292 -1.31 -8.18 -8.49
CA ILE A 292 -0.99 -9.16 -9.51
C ILE A 292 -1.49 -8.56 -10.81
N GLU A 293 -0.96 -9.01 -11.94
CA GLU A 293 -1.40 -8.50 -13.24
C GLU A 293 -2.69 -9.18 -13.64
N SER A 294 -2.77 -10.48 -13.35
CA SER A 294 -3.97 -11.25 -13.69
C SER A 294 -4.05 -12.51 -12.86
N GLU A 295 -5.25 -13.04 -12.72
CA GLU A 295 -5.46 -14.25 -11.96
C GLU A 295 -5.14 -15.43 -12.88
N SER A 296 -3.90 -15.48 -13.34
CA SER A 296 -3.46 -16.54 -14.25
C SER A 296 -2.07 -17.07 -13.89
N THR A 297 -1.88 -18.36 -14.10
CA THR A 297 -0.59 -18.99 -13.80
C THR A 297 0.49 -18.47 -14.75
N ASP A 298 0.06 -17.66 -15.73
CA ASP A 298 0.99 -17.08 -16.68
C ASP A 298 1.71 -15.90 -16.04
N ASP A 299 1.13 -15.42 -14.94
CA ASP A 299 1.69 -14.29 -14.21
C ASP A 299 2.49 -14.80 -13.00
N SER A 300 3.80 -14.59 -13.03
CA SER A 300 4.68 -15.04 -11.95
C SER A 300 4.26 -14.49 -10.59
N LEU A 301 3.75 -13.26 -10.58
CA LEU A 301 3.29 -12.65 -9.33
C LEU A 301 2.15 -13.46 -8.74
N TYR A 302 1.19 -13.82 -9.57
CA TYR A 302 0.04 -14.60 -9.13
C TYR A 302 0.46 -15.97 -8.60
N VAL A 303 1.30 -16.67 -9.36
CA VAL A 303 1.74 -17.99 -8.97
C VAL A 303 2.36 -17.98 -7.58
N PHE A 304 3.24 -17.02 -7.33
CA PHE A 304 3.90 -16.91 -6.04
C PHE A 304 2.93 -16.54 -4.92
N LYS A 305 2.16 -15.48 -5.14
CA LYS A 305 1.21 -15.03 -4.13
C LYS A 305 0.03 -15.98 -3.90
N HIS A 306 -0.32 -16.76 -4.93
CA HIS A 306 -1.43 -17.71 -4.80
C HIS A 306 -1.06 -18.82 -3.82
N VAL A 307 0.23 -18.96 -3.55
CA VAL A 307 0.69 -19.97 -2.60
C VAL A 307 0.20 -19.58 -1.20
N PHE A 308 0.20 -18.27 -0.92
CA PHE A 308 -0.21 -17.79 0.38
C PHE A 308 -1.66 -17.30 0.47
N VAL A 309 -2.27 -17.05 -0.68
CA VAL A 309 -3.65 -16.59 -0.72
C VAL A 309 -4.45 -17.47 -1.67
N LYS A 310 -5.21 -18.42 -1.13
CA LYS A 310 -6.01 -19.31 -1.95
C LYS A 310 -7.33 -18.68 -2.36
N ASP A 311 -7.83 -17.75 -1.57
CA ASP A 311 -9.09 -17.08 -1.91
C ASP A 311 -8.86 -16.25 -3.16
N ALA A 312 -9.95 -15.81 -3.78
CA ALA A 312 -9.84 -15.01 -4.99
C ALA A 312 -9.20 -13.67 -4.62
N PRO A 313 -8.48 -13.06 -5.57
CA PRO A 313 -7.84 -11.78 -5.29
C PRO A 313 -8.94 -10.74 -5.07
N ARG A 314 -8.66 -9.73 -4.26
CA ARG A 314 -9.64 -8.68 -4.04
C ARG A 314 -9.51 -7.74 -5.22
N GLU A 315 -10.64 -7.24 -5.73
CA GLU A 315 -10.63 -6.29 -6.85
C GLU A 315 -11.20 -4.97 -6.32
N TYR A 316 -10.36 -3.94 -6.29
CA TYR A 316 -10.78 -2.65 -5.78
C TYR A 316 -11.50 -1.78 -6.81
N ILE A 317 -12.21 -0.77 -6.32
CA ILE A 317 -12.96 0.16 -7.14
C ILE A 317 -12.05 0.90 -8.12
N GLY A 318 -10.76 1.00 -7.78
CA GLY A 318 -9.83 1.68 -8.66
C GLY A 318 -9.62 3.15 -8.34
N GLU A 319 -9.35 3.95 -9.36
CA GLU A 319 -9.12 5.37 -9.15
C GLU A 319 -10.40 6.17 -9.29
N ILE A 320 -10.64 7.01 -8.29
CA ILE A 320 -11.81 7.89 -8.26
C ILE A 320 -11.24 9.28 -8.50
N ASP A 321 -11.61 9.90 -9.62
CA ASP A 321 -11.10 11.21 -9.95
C ASP A 321 -12.11 12.36 -9.82
N LYS A 322 -11.73 13.36 -9.04
CA LYS A 322 -12.55 14.56 -8.87
C LYS A 322 -11.89 15.49 -9.89
N VAL A 323 -12.54 15.63 -11.05
CA VAL A 323 -12.00 16.47 -12.12
C VAL A 323 -12.19 17.95 -11.82
N LEU A 324 -11.09 18.70 -11.84
CA LEU A 324 -11.13 20.13 -11.56
C LEU A 324 -10.87 20.99 -12.81
N ASP A 325 -9.91 20.58 -13.62
CA ASP A 325 -9.59 21.27 -14.87
C ASP A 325 -9.83 20.22 -15.96
N PRO A 326 -11.02 20.24 -16.57
CA PRO A 326 -11.42 19.29 -17.63
C PRO A 326 -10.51 19.20 -18.85
N GLU A 327 -10.02 20.33 -19.32
CA GLU A 327 -9.16 20.32 -20.49
C GLU A 327 -7.86 19.59 -20.22
N VAL A 328 -7.17 19.96 -19.14
CA VAL A 328 -5.92 19.30 -18.80
C VAL A 328 -6.16 17.83 -18.47
N TYR A 329 -7.26 17.54 -17.79
CA TYR A 329 -7.59 16.15 -17.44
C TYR A 329 -7.68 15.29 -18.71
N ALA A 330 -8.38 15.79 -19.73
CA ALA A 330 -8.56 15.07 -20.98
C ALA A 330 -7.23 14.88 -21.71
N GLU A 331 -6.34 15.85 -21.53
CA GLU A 331 -5.01 15.78 -22.15
C GLU A 331 -4.13 14.72 -21.49
N LEU A 332 -4.14 14.70 -20.16
CA LEU A 332 -3.29 13.79 -19.39
C LEU A 332 -3.86 12.44 -18.97
N VAL A 333 -5.18 12.28 -19.07
CA VAL A 333 -5.80 11.02 -18.65
C VAL A 333 -6.75 10.44 -19.70
N LYS A 334 -6.44 9.23 -20.15
CA LYS A 334 -7.25 8.52 -21.14
C LYS A 334 -7.33 7.05 -20.78
N ASP A 335 -8.34 6.34 -21.30
CA ASP A 335 -8.49 4.92 -21.02
C ASP A 335 -7.38 4.07 -21.62
N LYS B 3 6.97 0.49 -10.95
CA LYS B 3 5.96 1.21 -10.18
C LYS B 3 5.46 0.54 -8.91
#